data_5EIV
#
_entry.id   5EIV
#
_cell.length_a   38.707
_cell.length_b   136.585
_cell.length_c   70.584
_cell.angle_alpha   90.000
_cell.angle_beta   90.050
_cell.angle_gamma   90.000
#
_symmetry.space_group_name_H-M   'P 1 21 1'
#
loop_
_entity.id
_entity.type
_entity.pdbx_description
1 polymer 'Osteoclast-associated immunoglobulin-like receptor'
2 polymer GLY-PRO-HYP-GLY-PRO-HYP-GLY-PRO-HYP-GLY-PRO-ALA-GLY-PHE-HYP-GLY-PRO-HYP-GLY-PRO-HYP
3 polymer PRO-GLY-PRO-PRO-GLY-PRO-PRO
4 non-polymer 2-acetamido-2-deoxy-beta-D-glucopyranose
5 non-polymer 'SULFATE ION'
6 non-polymer 'CHLORIDE ION'
7 non-polymer 'SODIUM ION'
8 non-polymer 'ACETATE ION'
9 water water
#
loop_
_entity_poly.entity_id
_entity_poly.type
_entity_poly.pdbx_seq_one_letter_code
_entity_poly.pdbx_strand_id
1 'polypeptide(L)'
;APLAPASYHPKPWLGAQPATVVTPGVNVTLRCRAPQPAWRFGLFKPGEIAPLLFRDVSSELAEFFLEEVTPAQGGSYRCC
YRRPDWGPGVWSQPSDVLELLVTEELPRPSLVALPGPVVGPGANVSLRCAGRLRNMSFVLYREGVAAPLQYRHSAQPWAD
FTLLGARAPGTYSCYYHTPSAPYVLSQRSEVLVIAAAHHHHHH
;
A,B
2 'polypeptide(L)' GP(HYP)GP(HYP)GP(HYP)GPAGF(HYP)GP(HYP)GP(HYP) C,D,E,F,G,H
3 'polypeptide(L)' (HYP)GP(HYP)GP(HYP) I,J,K
#
loop_
_chem_comp.id
_chem_comp.type
_chem_comp.name
_chem_comp.formula
ACT non-polymer 'ACETATE ION' 'C2 H3 O2 -1'
CL non-polymer 'CHLORIDE ION' 'Cl -1'
NA non-polymer 'SODIUM ION' 'Na 1'
NAG D-saccharide, beta linking 2-acetamido-2-deoxy-beta-D-glucopyranose 'C8 H15 N O6'
SO4 non-polymer 'SULFATE ION' 'O4 S -2'
#
# COMPACT_ATOMS: atom_id res chain seq x y z
N HIS A 9 -1.41 -12.69 22.08
CA HIS A 9 -2.29 -12.23 23.14
C HIS A 9 -2.58 -10.72 22.97
N PRO A 10 -1.80 -9.82 23.63
CA PRO A 10 -2.41 -8.49 23.74
C PRO A 10 -2.40 -7.73 22.42
N LYS A 11 -3.35 -6.82 22.25
CA LYS A 11 -3.68 -6.32 20.91
C LYS A 11 -2.66 -5.34 20.33
N PRO A 12 -2.53 -5.34 18.99
CA PRO A 12 -1.59 -4.48 18.29
C PRO A 12 -2.15 -3.11 17.95
N TRP A 13 -1.31 -2.31 17.31
CA TRP A 13 -1.64 -0.95 16.95
C TRP A 13 -1.74 -0.80 15.43
N LEU A 14 -2.79 -0.16 14.95
CA LEU A 14 -3.01 0.03 13.53
C LEU A 14 -3.26 1.50 13.20
N GLY A 15 -2.36 2.10 12.41
CA GLY A 15 -2.50 3.48 11.97
C GLY A 15 -2.41 3.65 10.46
N ALA A 16 -2.79 4.83 9.96
CA ALA A 16 -2.79 5.07 8.52
C ALA A 16 -1.99 6.32 8.11
N GLN A 17 -1.48 6.30 6.89
CA GLN A 17 -0.80 7.45 6.28
C GLN A 17 -1.31 7.65 4.84
N PRO A 18 -1.34 8.89 4.35
CA PRO A 18 -0.90 10.15 4.96
C PRO A 18 -1.96 10.76 5.86
N ALA A 19 -3.12 10.10 5.94
CA ALA A 19 -4.26 10.59 6.71
C ALA A 19 -5.33 9.52 6.77
N THR A 20 -6.19 9.58 7.80
CA THR A 20 -7.33 8.68 7.90
C THR A 20 -8.54 9.19 7.13
N VAL A 21 -8.44 10.42 6.63
CA VAL A 21 -9.48 11.03 5.80
C VAL A 21 -8.76 11.48 4.55
N VAL A 22 -9.13 10.90 3.41
CA VAL A 22 -8.45 11.10 2.13
C VAL A 22 -9.47 11.30 1.02
N THR A 23 -9.06 11.93 -0.08
CA THR A 23 -9.85 11.95 -1.31
C THR A 23 -9.62 10.63 -2.06
N PRO A 24 -10.50 10.27 -3.01
CA PRO A 24 -10.25 9.02 -3.73
C PRO A 24 -9.07 9.15 -4.72
N GLY A 25 -8.28 8.08 -4.85
CA GLY A 25 -7.12 8.07 -5.72
C GLY A 25 -5.80 8.16 -4.96
N VAL A 26 -5.92 8.40 -3.66
CA VAL A 26 -4.77 8.55 -2.78
C VAL A 26 -4.23 7.18 -2.38
N ASN A 27 -2.90 7.03 -2.37
CA ASN A 27 -2.26 5.80 -1.92
C ASN A 27 -2.13 5.79 -0.40
N VAL A 28 -2.85 4.86 0.24
CA VAL A 28 -2.84 4.72 1.69
C VAL A 28 -1.95 3.55 2.15
N THR A 29 -1.31 3.73 3.30
CA THR A 29 -0.50 2.70 3.92
C THR A 29 -1.02 2.44 5.34
N LEU A 30 -1.39 1.20 5.60
CA LEU A 30 -1.70 0.77 6.96
C LEU A 30 -0.47 0.10 7.59
N ARG A 31 -0.14 0.52 8.80
CA ARG A 31 1.01 -0.04 9.53
C ARG A 31 0.56 -0.65 10.84
N CYS A 32 0.78 -1.95 10.99
CA CYS A 32 0.46 -2.55 12.25
C CYS A 32 1.73 -2.83 13.05
N ARG A 33 1.68 -2.46 14.33
CA ARG A 33 2.75 -2.73 15.26
C ARG A 33 2.26 -3.62 16.39
N ALA A 34 2.94 -4.75 16.57
CA ALA A 34 2.60 -5.68 17.63
C ALA A 34 3.39 -5.31 18.86
N PRO A 35 2.80 -5.47 20.05
CA PRO A 35 3.51 -5.21 21.30
C PRO A 35 4.46 -6.35 21.69
N GLN A 36 4.49 -7.40 20.87
CA GLN A 36 5.42 -8.53 21.02
C GLN A 36 5.63 -9.16 19.64
N PRO A 37 6.76 -9.84 19.42
CA PRO A 37 7.07 -10.33 18.06
C PRO A 37 6.07 -11.35 17.50
N ALA A 38 5.74 -11.20 16.21
CA ALA A 38 4.78 -12.06 15.53
C ALA A 38 5.26 -12.44 14.12
N TRP A 39 4.63 -13.46 13.53
CA TRP A 39 4.94 -13.89 12.17
C TRP A 39 4.01 -13.29 11.16
N ARG A 40 2.73 -13.19 11.52
CA ARG A 40 1.70 -12.77 10.59
C ARG A 40 0.90 -11.64 11.17
N PHE A 41 0.45 -10.76 10.27
CA PHE A 41 -0.42 -9.67 10.65
C PHE A 41 -1.58 -9.69 9.69
N GLY A 42 -2.78 -9.97 10.21
CA GLY A 42 -3.96 -10.00 9.37
C GLY A 42 -4.66 -8.67 9.38
N LEU A 43 -5.20 -8.27 8.25
CA LEU A 43 -6.06 -7.09 8.20
C LEU A 43 -7.51 -7.55 8.17
N PHE A 44 -8.31 -7.01 9.09
CA PHE A 44 -9.68 -7.49 9.24
C PHE A 44 -10.68 -6.41 8.90
N LYS A 45 -11.44 -6.64 7.84
CA LYS A 45 -12.61 -5.85 7.55
C LYS A 45 -13.80 -6.54 8.17
N PRO A 46 -14.90 -5.80 8.36
CA PRO A 46 -16.16 -6.49 8.57
C PRO A 46 -16.80 -6.74 7.22
N GLY A 47 -17.22 -7.98 6.95
CA GLY A 47 -17.83 -8.30 5.67
C GLY A 47 -16.93 -9.18 4.83
N GLU A 48 -15.72 -9.42 5.30
CA GLU A 48 -14.80 -10.28 4.58
C GLU A 48 -14.75 -11.66 5.21
N ILE A 49 -14.47 -12.64 4.36
CA ILE A 49 -14.50 -14.04 4.73
C ILE A 49 -13.23 -14.42 5.49
N ALA A 50 -12.09 -14.37 4.81
CA ALA A 50 -10.80 -14.54 5.47
C ALA A 50 -10.12 -13.19 5.49
N PRO A 51 -9.30 -12.92 6.53
CA PRO A 51 -8.52 -11.67 6.59
C PRO A 51 -7.50 -11.56 5.46
N LEU A 52 -7.03 -10.34 5.20
CA LEU A 52 -5.96 -10.13 4.22
C LEU A 52 -4.64 -9.97 4.95
N LEU A 53 -3.54 -10.25 4.26
CA LEU A 53 -2.25 -10.35 4.93
C LEU A 53 -1.35 -9.15 4.70
N PHE A 54 -0.93 -8.53 5.81
CA PHE A 54 0.10 -7.49 5.79
C PHE A 54 1.41 -8.03 5.22
N ARG A 55 2.28 -7.12 4.81
CA ARG A 55 3.63 -7.44 4.39
C ARG A 55 4.59 -7.10 5.50
N ASP A 56 5.30 -8.10 6.02
CA ASP A 56 6.24 -7.86 7.13
C ASP A 56 7.45 -7.03 6.77
N VAL A 57 7.72 -6.06 7.64
CA VAL A 57 9.00 -5.39 7.67
C VAL A 57 9.84 -6.06 8.76
N SER A 58 9.28 -6.07 9.96
CA SER A 58 9.93 -6.73 11.08
C SER A 58 8.93 -7.62 11.76
N SER A 59 9.32 -8.21 12.88
CA SER A 59 8.45 -9.10 13.62
C SER A 59 7.40 -8.31 14.40
N GLU A 60 7.52 -6.99 14.37
CA GLU A 60 6.59 -6.17 15.12
C GLU A 60 6.09 -5.01 14.29
N LEU A 61 6.36 -5.08 12.98
CA LEU A 61 6.00 -4.02 12.05
C LEU A 61 5.63 -4.61 10.70
N ALA A 62 4.37 -4.46 10.32
CA ALA A 62 3.90 -4.90 9.02
C ALA A 62 3.09 -3.82 8.31
N GLU A 63 2.96 -3.95 7.00
CA GLU A 63 2.35 -2.92 6.19
C GLU A 63 1.40 -3.44 5.13
N PHE A 64 0.34 -2.68 4.92
CA PHE A 64 -0.65 -3.03 3.92
C PHE A 64 -0.86 -1.81 3.04
N PHE A 65 -0.48 -1.94 1.78
CA PHE A 65 -0.54 -0.80 0.88
C PHE A 65 -1.86 -0.80 0.13
N LEU A 66 -2.62 0.28 0.32
CA LEU A 66 -3.91 0.48 -0.34
C LEU A 66 -3.71 1.35 -1.54
N GLU A 67 -3.59 0.72 -2.70
CA GLU A 67 -3.25 1.41 -3.91
C GLU A 67 -4.42 2.20 -4.47
N GLU A 68 -4.27 3.52 -4.46
CA GLU A 68 -5.21 4.47 -5.06
C GLU A 68 -6.65 4.19 -4.66
N VAL A 69 -6.92 4.36 -3.36
CA VAL A 69 -8.18 3.97 -2.75
C VAL A 69 -9.42 4.52 -3.41
N THR A 70 -10.53 3.88 -3.09
CA THR A 70 -11.87 4.21 -3.58
C THR A 70 -12.81 4.39 -2.37
N PRO A 71 -14.01 4.96 -2.56
CA PRO A 71 -14.94 5.10 -1.42
C PRO A 71 -15.22 3.80 -0.66
N ALA A 72 -15.52 2.72 -1.39
CA ALA A 72 -15.84 1.42 -0.79
C ALA A 72 -14.64 0.79 -0.09
N GLN A 73 -13.44 1.27 -0.40
CA GLN A 73 -12.23 0.79 0.30
C GLN A 73 -12.10 1.47 1.66
N GLY A 74 -13.09 2.29 2.02
CA GLY A 74 -13.13 2.88 3.34
C GLY A 74 -13.95 2.00 4.24
N GLY A 75 -13.96 2.31 5.53
CA GLY A 75 -14.67 1.48 6.49
C GLY A 75 -13.81 1.21 7.71
N SER A 76 -14.02 0.06 8.34
CA SER A 76 -13.40 -0.21 9.64
C SER A 76 -12.40 -1.35 9.59
N TYR A 77 -11.12 -1.00 9.69
CA TYR A 77 -10.06 -1.96 9.54
C TYR A 77 -9.46 -2.31 10.89
N ARG A 78 -9.15 -3.59 11.08
CA ARG A 78 -8.49 -4.02 12.29
C ARG A 78 -7.34 -4.92 11.95
N CYS A 79 -6.37 -4.92 12.85
CA CYS A 79 -5.19 -5.73 12.70
C CYS A 79 -5.08 -6.74 13.84
N CYS A 80 -4.83 -8.00 13.49
CA CYS A 80 -4.48 -9.03 14.45
C CYS A 80 -3.17 -9.66 14.01
N TYR A 81 -2.32 -9.96 14.98
CA TYR A 81 -1.10 -10.68 14.67
C TYR A 81 -1.14 -12.11 15.24
N ARG A 82 -0.26 -12.97 14.75
CA ARG A 82 -0.17 -14.33 15.29
C ARG A 82 1.17 -14.99 15.03
N ARG A 83 1.45 -16.01 15.83
CA ARG A 83 2.57 -16.91 15.64
C ARG A 83 2.07 -18.31 15.33
N PRO A 84 2.78 -19.02 14.42
CA PRO A 84 2.49 -20.39 13.97
C PRO A 84 2.33 -21.32 15.13
N ASP A 85 3.13 -20.99 16.14
CA ASP A 85 3.23 -21.66 17.40
C ASP A 85 1.88 -21.72 18.14
N TRP A 86 1.11 -20.64 18.07
CA TRP A 86 -0.20 -20.57 18.73
C TRP A 86 -1.13 -21.68 18.25
N GLY A 87 -0.87 -22.16 17.05
CA GLY A 87 -1.72 -23.15 16.41
C GLY A 87 -2.58 -22.47 15.38
N PRO A 88 -3.27 -23.27 14.56
CA PRO A 88 -4.21 -22.79 13.53
C PRO A 88 -5.29 -21.82 14.04
N GLY A 89 -5.74 -20.92 13.16
CA GLY A 89 -6.95 -20.16 13.38
C GLY A 89 -7.02 -19.16 14.52
N VAL A 90 -6.00 -19.18 15.39
CA VAL A 90 -5.97 -18.28 16.53
C VAL A 90 -5.08 -17.06 16.29
N TRP A 91 -5.63 -15.89 16.62
CA TRP A 91 -4.99 -14.59 16.43
C TRP A 91 -4.88 -13.83 17.74
N SER A 92 -4.12 -12.75 17.74
CA SER A 92 -4.05 -11.88 18.92
C SER A 92 -5.37 -11.16 19.12
N GLN A 93 -5.48 -10.42 20.20
CA GLN A 93 -6.62 -9.54 20.41
C GLN A 93 -6.62 -8.57 19.25
N PRO A 94 -7.80 -8.27 18.69
CA PRO A 94 -7.90 -7.35 17.56
C PRO A 94 -7.58 -5.90 17.92
N SER A 95 -6.79 -5.25 17.07
CA SER A 95 -6.42 -3.85 17.28
C SER A 95 -7.65 -2.97 17.24
N ASP A 96 -7.54 -1.77 17.81
CA ASP A 96 -8.60 -0.79 17.70
C ASP A 96 -8.91 -0.54 16.24
N VAL A 97 -10.18 -0.34 15.92
CA VAL A 97 -10.54 -0.16 14.51
C VAL A 97 -10.04 1.20 14.05
N LEU A 98 -9.38 1.17 12.89
CA LEU A 98 -8.96 2.39 12.24
C LEU A 98 -10.04 2.72 11.22
N GLU A 99 -10.72 3.84 11.44
CA GLU A 99 -11.81 4.24 10.57
C GLU A 99 -11.30 5.08 9.43
N LEU A 100 -11.31 4.51 8.23
CA LEU A 100 -10.81 5.21 7.06
C LEU A 100 -11.96 5.79 6.23
N LEU A 101 -11.95 7.11 6.01
CA LEU A 101 -12.96 7.75 5.16
C LEU A 101 -12.38 8.16 3.82
N VAL A 102 -12.97 7.66 2.73
CA VAL A 102 -12.58 8.08 1.37
C VAL A 102 -13.77 8.75 0.67
N THR A 103 -13.70 10.08 0.55
CA THR A 103 -14.72 10.86 -0.16
C THR A 103 -14.03 12.00 -0.94
N GLU A 104 -14.64 12.43 -2.03
CA GLU A 104 -14.09 13.56 -2.78
C GLU A 104 -14.41 14.87 -2.06
N GLU A 105 -15.53 14.90 -1.37
CA GLU A 105 -15.97 16.08 -0.63
C GLU A 105 -16.68 15.69 0.64
N LEU A 106 -16.50 16.47 1.69
CA LEU A 106 -17.08 16.16 2.99
C LEU A 106 -18.45 16.79 3.14
N PRO A 107 -19.32 16.17 3.95
CA PRO A 107 -20.65 16.74 4.25
C PRO A 107 -20.56 18.20 4.69
N ARG A 108 -21.43 19.05 4.14
CA ARG A 108 -21.37 20.47 4.42
C ARG A 108 -21.69 20.73 5.89
N PRO A 109 -21.06 21.75 6.48
CA PRO A 109 -21.43 22.06 7.86
C PRO A 109 -22.65 22.97 7.96
N SER A 110 -23.12 23.19 9.16
CA SER A 110 -24.13 24.21 9.37
C SER A 110 -23.45 25.45 9.94
N LEU A 111 -23.91 26.62 9.55
CA LEU A 111 -23.45 27.85 10.15
C LEU A 111 -24.62 28.52 10.86
N VAL A 112 -24.53 28.70 12.17
CA VAL A 112 -25.63 29.29 12.93
C VAL A 112 -25.14 30.24 14.00
N ALA A 113 -25.99 31.19 14.39
CA ALA A 113 -25.70 32.03 15.54
C ALA A 113 -26.22 31.35 16.81
N LEU A 114 -25.42 31.39 17.88
CA LEU A 114 -25.66 30.58 19.07
C LEU A 114 -26.51 31.29 20.13
N PRO A 115 -26.98 30.55 21.16
CA PRO A 115 -27.76 31.25 22.18
C PRO A 115 -26.90 32.24 22.97
N ALA A 123 -22.15 44.03 22.86
CA ALA A 123 -22.86 42.79 22.55
C ALA A 123 -22.14 41.99 21.46
N ASN A 124 -21.29 41.06 21.85
CA ASN A 124 -20.61 40.20 20.87
C ASN A 124 -21.54 39.15 20.32
N VAL A 125 -21.09 38.44 19.30
CA VAL A 125 -21.90 37.43 18.61
C VAL A 125 -21.01 36.25 18.25
N SER A 126 -21.44 35.04 18.59
CA SER A 126 -20.69 33.83 18.29
C SER A 126 -21.37 33.02 17.20
N LEU A 127 -20.57 32.47 16.30
CA LEU A 127 -21.06 31.67 15.18
C LEU A 127 -20.50 30.25 15.21
N ARG A 128 -21.38 29.27 15.37
CA ARG A 128 -20.95 27.89 15.33
C ARG A 128 -21.02 27.29 13.93
N CYS A 129 -19.87 27.05 13.34
CA CYS A 129 -19.81 26.17 12.20
C CYS A 129 -19.69 24.72 12.69
N ALA A 130 -20.70 23.92 12.42
CA ALA A 130 -20.71 22.56 12.94
C ALA A 130 -20.90 21.54 11.85
N GLY A 131 -20.03 20.54 11.86
CA GLY A 131 -20.17 19.39 10.99
C GLY A 131 -20.45 18.19 11.86
N ARG A 132 -20.15 17.02 11.33
CA ARG A 132 -20.34 15.80 12.10
C ARG A 132 -19.07 15.01 12.09
N LEU A 133 -17.93 15.68 12.03
CA LEU A 133 -16.62 14.98 11.94
C LEU A 133 -15.56 15.66 12.78
N ARG A 134 -14.80 14.85 13.52
CA ARG A 134 -13.78 15.36 14.43
C ARG A 134 -12.46 15.67 13.74
N ASN A 135 -11.61 16.41 14.45
CA ASN A 135 -10.26 16.74 14.01
C ASN A 135 -10.19 17.48 12.68
N MET A 136 -11.18 18.35 12.47
CA MET A 136 -11.22 19.17 11.27
C MET A 136 -10.79 20.59 11.55
N SER A 137 -10.31 21.27 10.52
CA SER A 137 -10.06 22.70 10.59
C SER A 137 -11.29 23.44 10.08
N PHE A 138 -11.76 24.41 10.87
CA PHE A 138 -12.95 25.16 10.52
C PHE A 138 -12.60 26.57 10.11
N VAL A 139 -13.10 26.97 8.95
CA VAL A 139 -12.83 28.29 8.41
C VAL A 139 -14.14 29.05 8.21
N LEU A 140 -14.11 30.37 8.39
CA LEU A 140 -15.29 31.19 8.29
C LEU A 140 -15.03 32.37 7.39
N TYR A 141 -15.93 32.59 6.43
CA TYR A 141 -15.78 33.65 5.45
C TYR A 141 -16.86 34.72 5.60
N ARG A 142 -16.44 35.95 5.33
CA ARG A 142 -17.35 37.09 5.24
C ARG A 142 -17.45 37.45 3.77
N GLU A 143 -18.63 37.87 3.31
CA GLU A 143 -18.77 38.16 1.90
C GLU A 143 -18.24 39.54 1.56
N GLY A 144 -17.45 39.63 0.50
CA GLY A 144 -16.80 40.88 0.16
C GLY A 144 -15.40 40.95 0.72
N VAL A 145 -15.04 39.95 1.51
CA VAL A 145 -13.71 39.82 2.10
C VAL A 145 -13.11 38.51 1.65
N ALA A 146 -12.06 38.60 0.82
CA ALA A 146 -11.49 37.44 0.17
C ALA A 146 -10.91 36.38 1.12
N ALA A 147 -9.94 36.82 1.92
CA ALA A 147 -9.19 35.93 2.81
C ALA A 147 -10.08 35.44 3.95
N PRO A 148 -9.77 34.26 4.52
CA PRO A 148 -10.64 33.76 5.57
C PRO A 148 -10.73 34.73 6.73
N LEU A 149 -11.92 34.88 7.31
CA LEU A 149 -12.08 35.74 8.48
C LEU A 149 -11.42 35.10 9.70
N GLN A 150 -11.70 33.83 9.93
CA GLN A 150 -11.23 33.15 11.11
C GLN A 150 -11.10 31.68 10.84
N TYR A 151 -10.15 31.05 11.52
CA TYR A 151 -10.04 29.62 11.50
C TYR A 151 -9.27 29.05 12.67
N ARG A 152 -9.73 27.89 13.11
CA ARG A 152 -9.10 27.20 14.22
C ARG A 152 -9.12 25.72 13.87
N HIS A 153 -8.21 24.98 14.48
CA HIS A 153 -8.34 23.53 14.44
C HIS A 153 -9.23 23.13 15.60
N SER A 154 -10.15 22.20 15.35
CA SER A 154 -11.02 21.68 16.38
C SER A 154 -10.97 20.17 16.43
N ALA A 155 -10.71 19.62 17.61
CA ALA A 155 -10.87 18.18 17.78
C ALA A 155 -12.35 17.87 17.69
N GLN A 156 -13.15 18.53 18.52
CA GLN A 156 -14.60 18.46 18.46
C GLN A 156 -15.06 18.90 17.05
N PRO A 157 -16.18 18.33 16.56
CA PRO A 157 -16.71 18.62 15.22
C PRO A 157 -17.40 19.97 15.04
N TRP A 158 -16.94 21.00 15.73
CA TRP A 158 -17.54 22.31 15.55
C TRP A 158 -16.56 23.37 16.00
N ALA A 159 -16.79 24.60 15.56
CA ALA A 159 -15.94 25.74 15.92
C ALA A 159 -16.80 26.96 16.19
N ASP A 160 -16.58 27.61 17.33
CA ASP A 160 -17.35 28.80 17.69
C ASP A 160 -16.52 30.02 17.39
N PHE A 161 -16.95 30.78 16.39
CA PHE A 161 -16.29 32.01 15.98
C PHE A 161 -16.99 33.18 16.63
N THR A 162 -16.25 33.99 17.38
CA THR A 162 -16.86 35.15 18.01
C THR A 162 -16.66 36.40 17.15
N LEU A 163 -17.72 37.15 16.96
CA LEU A 163 -17.64 38.37 16.19
C LEU A 163 -17.95 39.57 17.09
N LEU A 164 -17.27 40.68 16.83
CA LEU A 164 -17.50 41.95 17.52
C LEU A 164 -18.76 42.61 17.00
N GLY A 165 -19.67 42.94 17.91
CA GLY A 165 -20.95 43.53 17.54
C GLY A 165 -20.99 44.62 16.49
N ALA A 166 -19.95 45.44 16.41
CA ALA A 166 -19.98 46.63 15.57
C ALA A 166 -19.36 46.42 14.20
N ARG A 167 -18.81 45.22 13.99
CA ARG A 167 -18.32 44.83 12.68
C ARG A 167 -18.92 43.48 12.30
N ALA A 168 -19.94 43.09 13.07
CA ALA A 168 -20.59 41.78 12.93
C ALA A 168 -21.59 41.64 11.77
N PRO A 169 -22.47 42.64 11.55
CA PRO A 169 -23.39 42.48 10.43
C PRO A 169 -22.68 42.27 9.10
N GLY A 170 -23.27 41.45 8.24
CA GLY A 170 -22.66 41.06 7.00
C GLY A 170 -23.15 39.67 6.67
N THR A 171 -22.66 39.12 5.56
CA THR A 171 -23.03 37.77 5.15
C THR A 171 -21.83 36.87 5.40
N TYR A 172 -22.10 35.62 5.84
CA TYR A 172 -21.06 34.65 6.23
C TYR A 172 -21.31 33.22 5.75
N SER A 173 -20.23 32.52 5.44
CA SER A 173 -20.27 31.11 5.12
C SER A 173 -19.16 30.42 5.86
N CYS A 174 -19.21 29.09 5.94
CA CYS A 174 -18.08 28.36 6.47
C CYS A 174 -17.91 27.02 5.77
N TYR A 175 -16.71 26.46 5.83
CA TYR A 175 -16.52 25.05 5.50
C TYR A 175 -15.51 24.46 6.46
N TYR A 176 -15.40 23.14 6.50
CA TYR A 176 -14.32 22.53 7.25
C TYR A 176 -13.48 21.63 6.35
N HIS A 177 -12.28 21.30 6.81
CA HIS A 177 -11.38 20.45 6.03
C HIS A 177 -10.37 19.75 6.92
N THR A 178 -9.82 18.66 6.41
CA THR A 178 -8.73 17.99 7.09
C THR A 178 -7.55 18.95 7.23
N PRO A 179 -6.68 18.70 8.21
CA PRO A 179 -5.56 19.63 8.44
C PRO A 179 -4.38 19.53 7.46
N SER A 180 -4.24 18.44 6.73
CA SER A 180 -3.04 18.28 5.91
C SER A 180 -3.33 17.63 4.58
N ALA A 181 -2.45 17.91 3.60
CA ALA A 181 -2.55 17.39 2.26
C ALA A 181 -2.36 15.87 2.29
N PRO A 182 -3.13 15.11 1.47
CA PRO A 182 -4.16 15.53 0.52
C PRO A 182 -5.46 15.95 1.17
N TYR A 183 -5.80 17.21 1.01
CA TYR A 183 -6.96 17.81 1.65
C TYR A 183 -8.28 17.15 1.24
N VAL A 184 -9.19 16.98 2.20
CA VAL A 184 -10.59 16.76 1.85
C VAL A 184 -11.35 17.94 2.41
N LEU A 185 -12.18 18.57 1.57
CA LEU A 185 -12.89 19.77 1.94
C LEU A 185 -14.37 19.48 2.07
N SER A 186 -15.03 20.14 3.02
CA SER A 186 -16.47 20.03 3.13
C SER A 186 -17.07 20.95 2.10
N GLN A 187 -18.26 20.59 1.64
CA GLN A 187 -19.01 21.53 0.85
C GLN A 187 -19.25 22.73 1.74
N ARG A 188 -19.22 23.90 1.14
CA ARG A 188 -19.50 25.14 1.82
C ARG A 188 -20.86 25.09 2.48
N SER A 189 -20.99 25.68 3.67
CA SER A 189 -22.27 25.71 4.34
C SER A 189 -23.19 26.72 3.67
N GLU A 190 -24.47 26.65 4.02
CA GLU A 190 -25.41 27.63 3.52
C GLU A 190 -25.04 28.99 4.07
N VAL A 191 -25.45 30.04 3.38
CA VAL A 191 -25.10 31.39 3.77
C VAL A 191 -25.86 31.81 5.03
N LEU A 192 -25.20 32.56 5.91
CA LEU A 192 -25.83 33.13 7.10
C LEU A 192 -25.71 34.64 7.05
N VAL A 193 -26.83 35.32 7.24
CA VAL A 193 -26.89 36.79 7.24
C VAL A 193 -27.07 37.29 8.66
N ILE A 194 -26.25 38.26 9.06
CA ILE A 194 -26.37 38.89 10.37
C ILE A 194 -26.85 40.32 10.15
N ALA A 195 -28.08 40.61 10.57
CA ALA A 195 -28.71 41.90 10.26
C ALA A 195 -28.33 43.01 11.25
N ALA A 196 -28.56 44.25 10.83
CA ALA A 196 -28.33 45.42 11.67
C ALA A 196 -29.64 45.89 12.31
N TYR B 8 24.99 -52.54 -15.20
CA TYR B 8 25.18 -51.16 -14.75
C TYR B 8 24.00 -50.69 -13.88
N HIS B 9 24.20 -49.59 -13.19
CA HIS B 9 23.19 -49.10 -12.27
C HIS B 9 22.80 -47.68 -12.62
N PRO B 10 21.85 -47.55 -13.55
CA PRO B 10 21.40 -46.28 -14.13
C PRO B 10 21.01 -45.29 -13.05
N LYS B 11 21.18 -44.00 -13.34
CA LYS B 11 20.96 -42.96 -12.34
C LYS B 11 19.51 -42.84 -11.94
N PRO B 12 19.28 -42.48 -10.67
CA PRO B 12 17.91 -42.26 -10.23
C PRO B 12 17.45 -40.91 -10.67
N TRP B 13 16.16 -40.64 -10.56
CA TRP B 13 15.67 -39.30 -10.79
C TRP B 13 15.59 -38.53 -9.47
N LEU B 14 15.87 -37.23 -9.52
CA LEU B 14 15.90 -36.40 -8.31
C LEU B 14 15.15 -35.07 -8.46
N GLY B 15 14.08 -34.90 -7.70
CA GLY B 15 13.32 -33.67 -7.73
C GLY B 15 13.17 -32.96 -6.38
N ALA B 16 12.72 -31.71 -6.42
CA ALA B 16 12.52 -30.92 -5.21
C ALA B 16 11.14 -30.28 -5.19
N GLN B 17 10.56 -30.15 -3.99
CA GLN B 17 9.30 -29.44 -3.80
C GLN B 17 9.41 -28.53 -2.56
N PRO B 18 8.70 -27.38 -2.56
CA PRO B 18 7.75 -26.88 -3.58
C PRO B 18 8.42 -26.20 -4.76
N ALA B 19 9.74 -26.03 -4.69
CA ALA B 19 10.49 -25.37 -5.74
C ALA B 19 11.98 -25.64 -5.57
N THR B 20 12.78 -25.29 -6.56
CA THR B 20 14.24 -25.36 -6.41
C THR B 20 14.81 -24.00 -6.01
N VAL B 21 14.00 -22.94 -6.11
CA VAL B 21 14.38 -21.63 -5.61
C VAL B 21 13.36 -21.22 -4.54
N VAL B 22 13.84 -20.96 -3.34
CA VAL B 22 12.97 -20.65 -2.20
C VAL B 22 13.61 -19.61 -1.28
N THR B 23 12.78 -18.90 -0.51
CA THR B 23 13.29 -18.02 0.52
C THR B 23 13.56 -18.86 1.75
N PRO B 24 14.56 -18.46 2.56
CA PRO B 24 14.88 -19.12 3.83
C PRO B 24 13.69 -19.26 4.77
N GLY B 25 13.50 -20.48 5.31
CA GLY B 25 12.43 -20.77 6.24
C GLY B 25 11.38 -21.69 5.65
N VAL B 26 11.57 -22.02 4.37
CA VAL B 26 10.64 -22.84 3.59
C VAL B 26 10.95 -24.32 3.83
N ASN B 27 9.92 -25.13 4.10
CA ASN B 27 10.08 -26.57 4.28
C ASN B 27 10.16 -27.31 2.94
N VAL B 28 11.36 -27.77 2.56
CA VAL B 28 11.61 -28.41 1.27
C VAL B 28 11.62 -29.93 1.33
N THR B 29 10.96 -30.57 0.37
CA THR B 29 10.94 -32.03 0.26
C THR B 29 11.70 -32.49 -0.98
N LEU B 30 12.65 -33.43 -0.81
CA LEU B 30 13.39 -34.01 -1.93
C LEU B 30 12.93 -35.43 -2.23
N ARG B 31 12.70 -35.73 -3.51
CA ARG B 31 12.31 -37.07 -3.91
C ARG B 31 13.36 -37.73 -4.79
N CYS B 32 13.69 -38.97 -4.44
CA CYS B 32 14.57 -39.75 -5.28
C CYS B 32 13.78 -40.91 -5.81
N ARG B 33 13.78 -41.05 -7.13
CA ARG B 33 13.11 -42.15 -7.78
C ARG B 33 14.14 -43.00 -8.50
N ALA B 34 14.09 -44.32 -8.31
CA ALA B 34 15.03 -45.24 -8.95
C ALA B 34 14.34 -46.01 -10.07
N PRO B 35 15.02 -46.15 -11.22
CA PRO B 35 14.49 -46.90 -12.38
C PRO B 35 14.29 -48.39 -12.11
N GLN B 36 15.01 -48.90 -11.11
CA GLN B 36 14.95 -50.30 -10.67
C GLN B 36 14.82 -50.30 -9.13
N PRO B 37 14.34 -51.41 -8.55
CA PRO B 37 14.11 -51.45 -7.09
C PRO B 37 15.37 -51.46 -6.24
N ALA B 38 15.32 -50.79 -5.10
CA ALA B 38 16.45 -50.71 -4.18
C ALA B 38 15.98 -50.72 -2.70
N TRP B 39 16.93 -50.67 -1.78
CA TRP B 39 16.62 -50.41 -0.38
C TRP B 39 16.99 -49.00 -0.01
N ARG B 40 18.30 -48.76 -0.06
CA ARG B 40 18.94 -47.60 0.51
C ARG B 40 19.05 -46.50 -0.52
N PHE B 41 18.51 -45.34 -0.18
CA PHE B 41 18.64 -44.15 -1.00
C PHE B 41 19.48 -43.12 -0.29
N GLY B 42 20.59 -42.75 -0.91
CA GLY B 42 21.57 -41.91 -0.26
C GLY B 42 21.67 -40.56 -0.92
N LEU B 43 21.63 -39.53 -0.09
CA LEU B 43 21.68 -38.14 -0.51
C LEU B 43 23.11 -37.59 -0.49
N PHE B 44 23.51 -36.91 -1.55
CA PHE B 44 24.92 -36.55 -1.69
C PHE B 44 25.18 -35.05 -1.81
N LYS B 45 25.85 -34.54 -0.79
CA LYS B 45 26.27 -33.16 -0.73
C LYS B 45 27.78 -33.14 -0.55
N PRO B 46 28.49 -32.57 -1.52
CA PRO B 46 29.95 -32.40 -1.46
C PRO B 46 30.43 -31.74 -0.16
N GLY B 47 30.35 -32.51 0.94
CA GLY B 47 30.55 -31.98 2.28
C GLY B 47 29.52 -32.53 3.25
N GLU B 48 29.91 -33.55 4.01
CA GLU B 48 31.26 -34.08 3.95
C GLU B 48 31.28 -35.29 3.05
N ILE B 49 32.22 -36.19 3.32
CA ILE B 49 32.42 -37.40 2.54
C ILE B 49 31.20 -38.33 2.64
N ALA B 50 30.73 -38.55 3.86
CA ALA B 50 29.60 -39.46 4.11
C ALA B 50 28.29 -38.86 3.62
N PRO B 51 27.50 -39.66 2.87
CA PRO B 51 26.19 -39.25 2.35
C PRO B 51 25.07 -39.33 3.39
N LEU B 52 23.94 -38.70 3.10
CA LEU B 52 22.81 -38.73 4.00
C LEU B 52 21.80 -39.73 3.48
N LEU B 53 20.96 -40.23 4.38
CA LEU B 53 19.96 -41.20 3.98
C LEU B 53 18.64 -40.51 3.65
N PHE B 54 17.92 -41.06 2.69
CA PHE B 54 16.52 -40.72 2.51
C PHE B 54 15.67 -41.57 3.42
N ARG B 55 14.38 -41.24 3.48
CA ARG B 55 13.41 -42.12 4.08
C ARG B 55 12.74 -42.87 2.95
N ASP B 56 12.84 -44.20 2.94
CA ASP B 56 12.18 -44.95 1.87
C ASP B 56 10.67 -44.92 2.04
N VAL B 57 9.95 -44.88 0.92
CA VAL B 57 8.51 -45.12 0.94
C VAL B 57 8.18 -46.44 0.20
N SER B 58 9.09 -46.84 -0.69
CA SER B 58 8.99 -48.09 -1.41
C SER B 58 10.37 -48.40 -1.96
N SER B 59 10.47 -49.39 -2.84
CA SER B 59 11.77 -49.75 -3.37
C SER B 59 12.24 -48.73 -4.41
N GLU B 60 11.33 -48.00 -5.02
CA GLU B 60 11.72 -47.09 -6.09
C GLU B 60 11.42 -45.64 -5.78
N LEU B 61 11.05 -45.34 -4.54
CA LEU B 61 10.83 -43.96 -4.11
C LEU B 61 11.25 -43.75 -2.66
N ALA B 62 12.13 -42.79 -2.46
CA ALA B 62 12.51 -42.36 -1.13
C ALA B 62 12.47 -40.85 -1.07
N GLU B 63 12.27 -40.31 0.13
CA GLU B 63 12.18 -38.87 0.30
C GLU B 63 13.08 -38.34 1.41
N PHE B 64 13.40 -37.06 1.31
CA PHE B 64 14.20 -36.39 2.32
C PHE B 64 13.54 -35.05 2.65
N PHE B 65 13.42 -34.75 3.93
CA PHE B 65 12.75 -33.53 4.34
C PHE B 65 13.71 -32.53 4.96
N LEU B 66 14.02 -31.48 4.22
CA LEU B 66 14.86 -30.38 4.70
C LEU B 66 14.05 -29.34 5.45
N GLU B 67 14.06 -29.44 6.78
CA GLU B 67 13.35 -28.51 7.67
C GLU B 67 13.77 -27.05 7.45
N GLU B 68 12.82 -26.13 7.67
CA GLU B 68 12.95 -24.68 7.46
C GLU B 68 14.32 -24.20 6.97
N VAL B 69 14.56 -24.39 5.68
CA VAL B 69 15.91 -24.24 5.11
C VAL B 69 16.52 -22.86 5.28
N THR B 70 17.85 -22.90 5.40
CA THR B 70 18.72 -21.75 5.51
C THR B 70 19.45 -21.52 4.17
N PRO B 71 20.02 -20.32 3.95
CA PRO B 71 20.79 -20.13 2.70
C PRO B 71 21.96 -21.10 2.53
N ALA B 72 22.43 -21.71 3.62
CA ALA B 72 23.60 -22.59 3.61
C ALA B 72 23.26 -24.00 3.13
N GLN B 73 22.00 -24.37 3.30
CA GLN B 73 21.50 -25.67 2.87
C GLN B 73 21.26 -25.73 1.36
N GLY B 74 21.59 -24.63 0.68
CA GLY B 74 21.47 -24.57 -0.77
C GLY B 74 22.72 -25.09 -1.45
N GLY B 75 22.58 -25.59 -2.67
CA GLY B 75 23.72 -26.06 -3.42
C GLY B 75 23.48 -27.31 -4.21
N SER B 76 24.55 -27.95 -4.67
CA SER B 76 24.42 -29.08 -5.58
C SER B 76 24.20 -30.40 -4.84
N TYR B 77 23.05 -31.00 -5.10
CA TYR B 77 22.71 -32.29 -4.55
C TYR B 77 22.60 -33.30 -5.67
N ARG B 78 22.99 -34.53 -5.38
CA ARG B 78 22.68 -35.65 -6.24
C ARG B 78 22.14 -36.76 -5.37
N CYS B 79 21.56 -37.77 -6.00
CA CYS B 79 21.02 -38.87 -5.24
C CYS B 79 21.55 -40.17 -5.83
N CYS B 80 21.87 -41.13 -4.97
CA CYS B 80 22.18 -42.49 -5.43
C CYS B 80 21.30 -43.47 -4.70
N TYR B 81 21.09 -44.63 -5.32
CA TYR B 81 20.47 -45.75 -4.63
C TYR B 81 21.42 -46.94 -4.58
N ARG B 82 21.18 -47.83 -3.64
CA ARG B 82 21.93 -49.07 -3.60
C ARG B 82 21.08 -50.23 -3.10
N ARG B 83 21.66 -51.43 -3.23
CA ARG B 83 21.11 -52.65 -2.68
C ARG B 83 22.22 -53.37 -1.93
N PRO B 84 21.87 -54.09 -0.85
CA PRO B 84 22.87 -54.70 0.04
C PRO B 84 23.80 -55.70 -0.65
N ASP B 85 23.26 -56.42 -1.62
CA ASP B 85 23.97 -57.43 -2.39
C ASP B 85 25.04 -56.86 -3.31
N TRP B 86 25.04 -55.55 -3.50
CA TRP B 86 26.01 -54.95 -4.39
C TRP B 86 27.37 -54.99 -3.72
N GLY B 87 27.33 -55.22 -2.42
CA GLY B 87 28.51 -55.32 -1.60
C GLY B 87 28.85 -54.02 -0.90
N PRO B 88 29.89 -54.05 -0.07
CA PRO B 88 30.39 -52.85 0.65
C PRO B 88 30.69 -51.64 -0.26
N GLY B 89 30.07 -50.50 0.04
CA GLY B 89 30.37 -49.23 -0.59
C GLY B 89 30.06 -49.03 -2.06
N VAL B 90 29.09 -49.75 -2.60
CA VAL B 90 28.71 -49.60 -4.01
C VAL B 90 27.39 -48.86 -4.20
N TRP B 91 27.43 -47.77 -4.93
CA TRP B 91 26.24 -46.97 -5.17
C TRP B 91 25.87 -46.98 -6.64
N SER B 92 24.62 -46.62 -6.94
CA SER B 92 24.20 -46.45 -8.33
C SER B 92 24.96 -45.34 -9.04
N GLN B 93 24.73 -45.19 -10.34
CA GLN B 93 25.22 -44.01 -11.05
C GLN B 93 24.46 -42.82 -10.49
N PRO B 94 25.15 -41.72 -10.16
CA PRO B 94 24.46 -40.59 -9.55
C PRO B 94 23.43 -39.91 -10.45
N SER B 95 22.36 -39.44 -9.84
CA SER B 95 21.36 -38.62 -10.52
C SER B 95 21.99 -37.35 -11.06
N ASP B 96 21.25 -36.65 -11.91
CA ASP B 96 21.61 -35.32 -12.32
C ASP B 96 21.62 -34.38 -11.13
N VAL B 97 22.49 -33.38 -11.14
CA VAL B 97 22.55 -32.41 -10.07
C VAL B 97 21.22 -31.68 -9.92
N LEU B 98 20.74 -31.66 -8.68
CA LEU B 98 19.63 -30.80 -8.32
C LEU B 98 20.23 -29.57 -7.67
N GLU B 99 20.14 -28.43 -8.35
CA GLU B 99 20.65 -27.20 -7.79
C GLU B 99 19.54 -26.56 -6.97
N LEU B 100 19.75 -26.46 -5.66
CA LEU B 100 18.80 -25.77 -4.80
C LEU B 100 19.36 -24.38 -4.43
N LEU B 101 18.55 -23.34 -4.62
CA LEU B 101 18.92 -21.98 -4.25
C LEU B 101 18.02 -21.45 -3.13
N VAL B 102 18.62 -21.14 -1.98
CA VAL B 102 17.90 -20.58 -0.84
C VAL B 102 18.34 -19.13 -0.61
N THR B 103 17.49 -18.18 -0.98
CA THR B 103 17.90 -16.78 -0.87
C THR B 103 16.70 -15.90 -0.51
N GLU B 104 16.97 -14.77 0.15
CA GLU B 104 15.90 -13.91 0.60
C GLU B 104 15.43 -13.04 -0.56
N GLU B 105 16.39 -12.62 -1.37
CA GLU B 105 16.14 -11.72 -2.49
C GLU B 105 17.12 -12.05 -3.61
N LEU B 106 16.64 -12.03 -4.85
CA LEU B 106 17.47 -12.31 -6.02
C LEU B 106 18.13 -11.05 -6.56
N PRO B 107 19.30 -11.22 -7.22
CA PRO B 107 20.04 -10.04 -7.71
C PRO B 107 19.22 -9.24 -8.71
N ARG B 108 19.30 -7.92 -8.62
CA ARG B 108 18.53 -7.08 -9.51
C ARG B 108 18.97 -7.33 -10.93
N PRO B 109 18.03 -7.22 -11.86
CA PRO B 109 18.38 -7.34 -13.28
C PRO B 109 18.84 -6.01 -13.83
N SER B 110 19.46 -5.99 -15.00
CA SER B 110 19.62 -4.73 -15.71
C SER B 110 18.41 -4.56 -16.61
N LEU B 111 18.07 -3.30 -16.91
CA LEU B 111 16.99 -3.03 -17.85
C LEU B 111 17.46 -2.02 -18.91
N VAL B 112 17.37 -2.42 -20.18
CA VAL B 112 17.86 -1.59 -21.29
C VAL B 112 16.88 -1.57 -22.45
N ALA B 113 17.04 -0.57 -23.32
CA ALA B 113 16.29 -0.45 -24.57
C ALA B 113 17.14 -0.93 -25.72
N LEU B 114 16.65 -1.91 -26.46
CA LEU B 114 17.47 -2.60 -27.44
C LEU B 114 17.78 -1.73 -28.66
N PRO B 115 19.02 -1.85 -29.17
CA PRO B 115 19.51 -1.12 -30.35
C PRO B 115 18.92 -1.62 -31.66
N ALA B 123 6.96 3.81 -34.73
CA ALA B 123 8.36 3.42 -34.60
C ALA B 123 8.62 2.73 -33.26
N ASN B 124 8.46 1.41 -33.22
CA ASN B 124 8.48 0.65 -31.97
C ASN B 124 9.82 0.58 -31.24
N VAL B 125 9.75 0.40 -29.93
CA VAL B 125 10.89 0.34 -29.02
C VAL B 125 10.82 -0.96 -28.23
N SER B 126 11.95 -1.65 -28.08
CA SER B 126 11.98 -2.88 -27.31
C SER B 126 12.90 -2.77 -26.08
N LEU B 127 12.37 -3.20 -24.94
CA LEU B 127 13.14 -3.25 -23.69
C LEU B 127 13.55 -4.68 -23.33
N ARG B 128 14.79 -4.86 -22.89
CA ARG B 128 15.22 -6.13 -22.34
C ARG B 128 15.48 -6.05 -20.85
N CYS B 129 14.86 -6.96 -20.10
CA CYS B 129 15.10 -7.15 -18.68
C CYS B 129 15.94 -8.40 -18.54
N ALA B 130 17.17 -8.25 -18.07
CA ALA B 130 18.09 -9.37 -18.05
C ALA B 130 18.70 -9.62 -16.68
N GLY B 131 18.48 -10.82 -16.18
CA GLY B 131 19.23 -11.32 -15.05
C GLY B 131 20.18 -12.41 -15.50
N ARG B 132 20.55 -13.28 -14.57
CA ARG B 132 21.51 -14.34 -14.84
C ARG B 132 20.85 -15.69 -14.66
N LEU B 133 19.65 -15.69 -14.06
CA LEU B 133 18.98 -16.93 -13.66
C LEU B 133 17.95 -17.38 -14.68
N ARG B 134 17.93 -18.68 -14.96
CA ARG B 134 17.05 -19.23 -15.98
C ARG B 134 15.66 -19.53 -15.44
N ASN B 135 14.67 -19.41 -16.32
CA ASN B 135 13.26 -19.70 -16.03
C ASN B 135 12.70 -18.83 -14.91
N MET B 136 12.49 -17.56 -15.22
CA MET B 136 11.84 -16.63 -14.32
C MET B 136 10.77 -15.87 -15.07
N SER B 137 9.73 -15.44 -14.38
CA SER B 137 8.83 -14.45 -14.96
C SER B 137 9.54 -13.12 -14.87
N PHE B 138 9.38 -12.29 -15.89
CA PHE B 138 9.90 -10.94 -15.87
C PHE B 138 8.73 -10.02 -15.97
N VAL B 139 8.80 -8.89 -15.28
CA VAL B 139 7.65 -8.00 -15.16
C VAL B 139 8.03 -6.55 -15.39
N LEU B 140 7.46 -5.96 -16.43
CA LEU B 140 7.78 -4.58 -16.84
C LEU B 140 6.79 -3.58 -16.26
N TYR B 141 7.35 -2.55 -15.61
CA TYR B 141 6.58 -1.52 -14.94
C TYR B 141 6.91 -0.16 -15.54
N ARG B 142 5.91 0.70 -15.63
CA ARG B 142 6.14 2.10 -15.98
C ARG B 142 5.70 2.97 -14.83
N GLU B 143 6.49 3.99 -14.53
CA GLU B 143 6.18 4.92 -13.46
C GLU B 143 4.87 5.66 -13.72
N GLY B 144 4.06 5.82 -12.68
CA GLY B 144 2.80 6.55 -12.82
C GLY B 144 1.65 5.58 -13.07
N VAL B 145 2.01 4.38 -13.51
CA VAL B 145 1.05 3.32 -13.77
C VAL B 145 1.31 2.21 -12.75
N ALA B 146 0.24 1.76 -12.10
CA ALA B 146 0.34 0.87 -10.96
C ALA B 146 0.57 -0.59 -11.37
N ALA B 147 -0.33 -1.08 -12.21
CA ALA B 147 -0.31 -2.47 -12.65
C ALA B 147 0.86 -2.70 -13.61
N PRO B 148 1.45 -3.90 -13.55
CA PRO B 148 2.54 -4.25 -14.46
C PRO B 148 2.14 -4.02 -15.90
N LEU B 149 3.02 -3.41 -16.71
CA LEU B 149 2.78 -3.27 -18.13
C LEU B 149 2.61 -4.65 -18.75
N GLN B 150 3.73 -5.35 -18.86
CA GLN B 150 3.73 -6.69 -19.40
C GLN B 150 4.45 -7.61 -18.44
N TYR B 151 4.12 -8.88 -18.51
CA TYR B 151 4.88 -9.89 -17.81
C TYR B 151 4.86 -11.13 -18.65
N ARG B 152 5.98 -11.81 -18.68
CA ARG B 152 6.08 -13.00 -19.47
C ARG B 152 7.06 -13.93 -18.80
N HIS B 153 6.86 -15.22 -19.00
CA HIS B 153 7.80 -16.16 -18.48
C HIS B 153 8.88 -16.35 -19.51
N SER B 154 10.05 -16.76 -19.06
CA SER B 154 11.16 -16.95 -19.98
C SER B 154 11.99 -18.14 -19.54
N ALA B 155 12.84 -18.63 -20.43
CA ALA B 155 13.73 -19.73 -20.09
C ALA B 155 15.17 -19.23 -20.12
N GLN B 156 15.47 -18.35 -21.07
CA GLN B 156 16.71 -17.60 -21.05
C GLN B 156 16.70 -16.68 -19.82
N PRO B 157 17.88 -16.18 -19.42
CA PRO B 157 17.88 -15.24 -18.28
C PRO B 157 17.36 -13.85 -18.59
N TRP B 158 16.41 -13.70 -19.52
CA TRP B 158 15.93 -12.38 -19.88
C TRP B 158 14.61 -12.43 -20.62
N ALA B 159 13.95 -11.27 -20.74
CA ALA B 159 12.67 -11.17 -21.42
C ALA B 159 12.54 -9.86 -22.19
N ASP B 160 12.18 -9.97 -23.47
CA ASP B 160 12.03 -8.79 -24.31
C ASP B 160 10.59 -8.32 -24.35
N PHE B 161 10.40 -7.02 -24.16
CA PHE B 161 9.07 -6.42 -24.16
C PHE B 161 9.04 -5.34 -25.21
N THR B 162 7.95 -5.27 -25.96
CA THR B 162 7.85 -4.34 -27.08
C THR B 162 6.95 -3.15 -26.75
N LEU B 163 7.45 -1.94 -26.97
CA LEU B 163 6.65 -0.74 -26.68
C LEU B 163 6.29 0.02 -27.95
N LEU B 164 5.00 0.26 -28.13
CA LEU B 164 4.52 1.08 -29.26
C LEU B 164 5.19 2.44 -29.22
N GLY B 165 5.94 2.75 -30.27
CA GLY B 165 6.63 4.02 -30.38
C GLY B 165 5.80 5.22 -30.00
N ALA B 166 4.54 5.21 -30.37
CA ALA B 166 3.62 6.29 -30.03
C ALA B 166 3.59 6.59 -28.53
N ARG B 167 3.20 5.59 -27.76
CA ARG B 167 3.18 5.70 -26.30
C ARG B 167 4.35 4.92 -25.69
N ALA B 168 5.57 5.39 -25.94
CA ALA B 168 6.79 4.76 -25.45
C ALA B 168 7.67 5.60 -24.48
N PRO B 169 7.78 6.95 -24.66
CA PRO B 169 8.59 7.68 -23.68
C PRO B 169 8.04 7.66 -22.25
N GLY B 170 8.93 7.77 -21.27
CA GLY B 170 8.59 7.64 -19.86
C GLY B 170 9.70 6.96 -19.08
N THR B 171 9.42 6.67 -17.79
CA THR B 171 10.41 6.01 -16.95
C THR B 171 9.93 4.61 -16.57
N TYR B 172 10.81 3.62 -16.77
CA TYR B 172 10.46 2.21 -16.58
C TYR B 172 11.37 1.49 -15.58
N SER B 173 10.84 0.44 -14.97
CA SER B 173 11.61 -0.43 -14.11
C SER B 173 11.13 -1.86 -14.34
N CYS B 174 11.91 -2.81 -13.83
CA CYS B 174 11.62 -4.22 -14.05
C CYS B 174 12.16 -5.07 -12.91
N TYR B 175 11.50 -6.20 -12.66
CA TYR B 175 12.08 -7.23 -11.83
C TYR B 175 11.68 -8.58 -12.34
N TYR B 176 12.18 -9.62 -11.70
CA TYR B 176 11.74 -10.95 -12.01
C TYR B 176 11.46 -11.76 -10.75
N HIS B 177 10.76 -12.88 -10.92
CA HIS B 177 10.41 -13.70 -9.78
C HIS B 177 10.21 -15.19 -10.16
N THR B 178 10.04 -16.02 -9.15
CA THR B 178 9.62 -17.39 -9.39
C THR B 178 8.15 -17.42 -9.83
N PRO B 179 7.82 -18.36 -10.73
CA PRO B 179 6.49 -18.58 -11.29
C PRO B 179 5.42 -19.02 -10.28
N SER B 180 5.84 -19.66 -9.20
CA SER B 180 4.89 -20.22 -8.25
C SER B 180 5.29 -19.92 -6.84
N ALA B 181 4.35 -20.03 -5.92
CA ALA B 181 4.66 -19.84 -4.50
C ALA B 181 5.47 -21.06 -4.02
N PRO B 182 6.44 -20.84 -3.12
CA PRO B 182 6.72 -19.57 -2.41
C PRO B 182 7.57 -18.63 -3.23
N TYR B 183 7.00 -17.47 -3.59
CA TYR B 183 7.66 -16.47 -4.41
C TYR B 183 8.98 -15.97 -3.82
N VAL B 184 10.04 -15.97 -4.63
CA VAL B 184 11.22 -15.22 -4.26
C VAL B 184 11.45 -14.23 -5.38
N LEU B 185 11.49 -12.95 -5.01
CA LEU B 185 11.55 -11.85 -5.96
C LEU B 185 12.97 -11.31 -6.07
N SER B 186 13.30 -10.75 -7.22
CA SER B 186 14.59 -10.09 -7.37
C SER B 186 14.47 -8.66 -6.89
N GLN B 187 15.61 -8.02 -6.65
CA GLN B 187 15.62 -6.58 -6.48
C GLN B 187 15.19 -6.02 -7.82
N ARG B 188 14.49 -4.91 -7.83
CA ARG B 188 14.05 -4.37 -9.11
C ARG B 188 15.22 -3.65 -9.76
N SER B 189 15.19 -3.58 -11.09
CA SER B 189 16.27 -2.97 -11.83
C SER B 189 16.35 -1.47 -11.54
N GLU B 190 17.47 -0.87 -11.92
CA GLU B 190 17.58 0.57 -11.90
C GLU B 190 16.59 1.07 -12.93
N VAL B 191 16.12 2.30 -12.78
CA VAL B 191 15.13 2.82 -13.70
C VAL B 191 15.73 3.06 -15.08
N LEU B 192 14.86 3.05 -16.07
CA LEU B 192 15.23 3.29 -17.46
C LEU B 192 14.34 4.37 -17.99
N VAL B 193 14.94 5.48 -18.43
CA VAL B 193 14.20 6.60 -18.97
C VAL B 193 14.21 6.54 -20.50
N ILE B 194 13.03 6.49 -21.10
CA ILE B 194 12.94 6.68 -22.55
C ILE B 194 12.54 8.13 -22.82
N ALA B 195 13.19 8.75 -23.82
CA ALA B 195 12.84 10.10 -24.27
C ALA B 195 11.96 10.09 -25.52
N GLY C 1 -10.99 -30.08 -11.59
CA GLY C 1 -10.36 -29.49 -12.76
C GLY C 1 -9.11 -28.71 -12.43
N PRO C 2 -8.35 -28.30 -13.47
CA PRO C 2 -7.12 -27.54 -13.23
C PRO C 2 -7.41 -26.20 -12.56
N HYP C 3 -6.46 -25.73 -11.75
CA HYP C 3 -6.60 -24.43 -11.13
C HYP C 3 -6.33 -23.34 -12.15
O HYP C 3 -5.72 -23.59 -13.19
CB HYP C 3 -5.57 -24.40 -10.01
CG HYP C 3 -4.90 -25.76 -9.99
CD HYP C 3 -5.31 -26.49 -11.26
OD1 HYP C 3 -5.38 -26.46 -8.88
N GLY C 4 -6.79 -22.13 -11.87
CA GLY C 4 -6.59 -21.04 -12.79
C GLY C 4 -5.14 -20.62 -12.82
N PRO C 5 -4.82 -19.64 -13.68
CA PRO C 5 -3.48 -19.03 -13.69
C PRO C 5 -3.13 -18.43 -12.34
N HYP C 6 -1.86 -18.14 -12.12
CA HYP C 6 -1.52 -17.39 -10.92
C HYP C 6 -1.96 -15.97 -11.21
O HYP C 6 -2.01 -15.56 -12.37
CB HYP C 6 -0.01 -17.53 -10.74
CG HYP C 6 0.37 -18.69 -11.64
CD HYP C 6 -0.72 -18.86 -12.69
OD1 HYP C 6 0.34 -19.83 -10.82
N GLY C 7 -2.33 -15.23 -10.17
CA GLY C 7 -2.69 -13.85 -10.36
C GLY C 7 -1.53 -13.08 -10.95
N PRO C 8 -1.83 -11.94 -11.57
CA PRO C 8 -0.73 -11.14 -12.12
C PRO C 8 0.14 -10.58 -11.00
N HYP C 9 1.35 -10.14 -11.35
CA HYP C 9 2.26 -9.63 -10.34
C HYP C 9 1.66 -8.38 -9.74
O HYP C 9 0.94 -7.65 -10.41
CB HYP C 9 3.54 -9.32 -11.08
CG HYP C 9 3.52 -10.23 -12.28
CD HYP C 9 2.07 -10.56 -12.56
OD1 HYP C 9 4.15 -11.42 -11.87
N GLY C 10 1.93 -8.15 -8.46
CA GLY C 10 1.40 -6.99 -7.78
C GLY C 10 1.99 -5.70 -8.30
N PRO C 11 1.32 -4.58 -8.05
CA PRO C 11 1.85 -3.31 -8.52
C PRO C 11 3.17 -3.00 -7.84
N ALA C 12 4.02 -2.22 -8.51
CA ALA C 12 5.24 -1.72 -7.89
C ALA C 12 4.83 -0.73 -6.82
N GLY C 13 5.72 -0.48 -5.85
CA GLY C 13 5.33 0.23 -4.65
C GLY C 13 5.05 1.69 -4.84
N PHE C 14 4.53 2.32 -3.80
CA PHE C 14 4.30 3.75 -3.83
C PHE C 14 5.65 4.43 -4.09
N HYP C 15 5.63 5.63 -4.68
CA HYP C 15 6.90 6.30 -4.98
C HYP C 15 7.59 6.69 -3.68
O HYP C 15 6.99 6.70 -2.59
CB HYP C 15 6.55 7.53 -5.81
CG HYP C 15 5.10 7.38 -6.20
CD HYP C 15 4.49 6.34 -5.27
OD1 HYP C 15 5.04 6.91 -7.52
N GLY C 16 8.87 7.01 -3.80
CA GLY C 16 9.68 7.28 -2.64
C GLY C 16 9.37 8.59 -1.96
N PRO C 17 9.91 8.80 -0.77
CA PRO C 17 9.89 10.11 -0.14
C PRO C 17 10.70 11.10 -0.96
N HYP C 18 10.50 12.39 -0.74
CA HYP C 18 11.27 13.38 -1.48
C HYP C 18 12.74 13.34 -1.02
O HYP C 18 13.07 12.79 0.04
CB HYP C 18 10.57 14.70 -1.19
CG HYP C 18 9.23 14.34 -0.55
CD HYP C 18 9.40 12.96 0.05
OD1 HYP C 18 8.28 14.19 -1.57
N GLY C 19 13.62 13.91 -1.82
CA GLY C 19 15.04 13.88 -1.49
C GLY C 19 15.40 14.92 -0.44
N PRO C 20 16.68 14.97 -0.06
CA PRO C 20 17.21 15.94 0.91
C PRO C 20 17.44 17.32 0.27
N HYP C 21 17.88 18.30 1.04
CA HYP C 21 18.11 19.63 0.47
C HYP C 21 19.37 19.70 -0.41
O HYP C 21 19.29 20.12 -1.55
CB HYP C 21 18.23 20.54 1.68
CG HYP C 21 17.47 19.84 2.78
CD HYP C 21 17.44 18.36 2.44
OD1 HYP C 21 16.15 20.32 2.76
N PRO D 2 -13.49 -27.45 -16.58
CA PRO D 2 -12.81 -26.23 -17.00
C PRO D 2 -11.83 -25.72 -15.94
N HYP D 3 -10.74 -25.09 -16.34
CA HYP D 3 -9.79 -24.57 -15.39
C HYP D 3 -10.38 -23.41 -14.61
O HYP D 3 -11.29 -22.71 -15.09
CB HYP D 3 -8.59 -24.09 -16.19
CG HYP D 3 -8.93 -24.29 -17.66
CD HYP D 3 -10.38 -24.77 -17.74
OD1 HYP D 3 -8.08 -25.27 -18.19
N GLY D 4 -9.88 -23.21 -13.39
CA GLY D 4 -10.38 -22.14 -12.53
C GLY D 4 -10.07 -20.76 -13.06
N PRO D 5 -10.58 -19.73 -12.37
CA PRO D 5 -10.28 -18.36 -12.77
C PRO D 5 -8.91 -17.96 -12.26
N HYP D 6 -8.35 -16.88 -12.79
CA HYP D 6 -7.05 -16.45 -12.34
C HYP D 6 -7.18 -16.00 -10.90
O HYP D 6 -8.24 -15.52 -10.50
CB HYP D 6 -6.70 -15.25 -13.21
CG HYP D 6 -7.62 -15.31 -14.40
CD HYP D 6 -8.82 -16.15 -13.98
OD1 HYP D 6 -6.95 -15.97 -15.44
N GLY D 7 -6.12 -16.20 -10.14
CA GLY D 7 -6.06 -15.73 -8.77
C GLY D 7 -5.90 -14.22 -8.74
N PRO D 8 -5.97 -13.65 -7.54
CA PRO D 8 -5.95 -12.19 -7.42
C PRO D 8 -4.56 -11.67 -7.75
N HYP D 9 -4.40 -10.35 -7.86
CA HYP D 9 -3.05 -9.82 -7.99
C HYP D 9 -2.30 -9.98 -6.68
O HYP D 9 -2.90 -10.07 -5.60
CB HYP D 9 -3.21 -8.35 -8.34
CG HYP D 9 -4.59 -8.24 -8.95
CD HYP D 9 -5.40 -9.42 -8.40
OD1 HYP D 9 -4.47 -8.33 -10.35
N GLY D 10 -0.98 -10.04 -6.78
CA GLY D 10 -0.16 -10.05 -5.60
C GLY D 10 -0.23 -8.66 -5.01
N PRO D 11 0.13 -8.52 -3.74
CA PRO D 11 0.08 -7.22 -3.07
C PRO D 11 0.98 -6.18 -3.74
N ALA D 12 0.83 -4.92 -3.34
CA ALA D 12 1.71 -3.90 -3.89
C ALA D 12 3.02 -3.92 -3.15
N GLY D 13 4.11 -3.62 -3.85
CA GLY D 13 5.44 -3.62 -3.26
C GLY D 13 5.67 -2.52 -2.24
N PHE D 14 6.83 -2.57 -1.58
CA PHE D 14 7.22 -1.56 -0.60
C PHE D 14 7.55 -0.25 -1.34
N HYP D 15 7.67 0.87 -0.62
CA HYP D 15 7.93 2.15 -1.27
C HYP D 15 9.31 2.35 -1.92
O HYP D 15 10.29 1.74 -1.49
CB HYP D 15 7.75 3.17 -0.17
CG HYP D 15 6.66 2.57 0.69
CD HYP D 15 6.72 1.06 0.49
OD1 HYP D 15 5.44 3.03 0.17
N GLY D 16 9.35 3.22 -2.92
CA GLY D 16 10.58 3.51 -3.64
C GLY D 16 11.69 4.17 -2.84
N PRO D 17 12.88 4.26 -3.43
CA PRO D 17 14.00 4.94 -2.77
C PRO D 17 13.82 6.46 -2.78
N HYP D 18 14.33 7.11 -1.73
CA HYP D 18 14.20 8.56 -1.62
C HYP D 18 14.82 9.27 -2.84
O HYP D 18 15.83 8.80 -3.36
CB HYP D 18 14.92 8.89 -0.32
CG HYP D 18 15.26 7.56 0.35
CD HYP D 18 15.17 6.49 -0.70
OD1 HYP D 18 14.28 7.26 1.30
N GLY D 19 14.21 10.37 -3.28
CA GLY D 19 14.64 11.05 -4.49
C GLY D 19 15.97 11.79 -4.37
N PRO D 20 16.42 12.41 -5.47
CA PRO D 20 17.62 13.24 -5.43
C PRO D 20 17.40 14.51 -4.60
N HYP D 21 18.43 15.34 -4.43
CA HYP D 21 18.27 16.57 -3.67
C HYP D 21 17.69 17.74 -4.45
O HYP D 21 17.62 17.73 -5.68
CB HYP D 21 19.67 16.92 -3.20
CG HYP D 21 20.54 15.70 -3.43
CD HYP D 21 19.69 14.65 -4.14
OD1 HYP D 21 20.99 15.19 -2.20
N GLY E 1 -12.59 -26.53 -11.70
CA GLY E 1 -11.41 -25.70 -11.58
C GLY E 1 -11.47 -24.66 -10.46
N PRO E 2 -10.57 -24.80 -9.46
CA PRO E 2 -10.42 -23.82 -8.38
C PRO E 2 -9.56 -22.62 -8.80
N HYP E 3 -9.77 -21.48 -8.16
CA HYP E 3 -9.07 -20.27 -8.56
C HYP E 3 -7.56 -20.38 -8.36
O HYP E 3 -7.06 -21.18 -7.58
CB HYP E 3 -9.69 -19.17 -7.70
CG HYP E 3 -10.99 -19.73 -7.14
CD HYP E 3 -10.98 -21.23 -7.35
OD1 HYP E 3 -12.05 -19.18 -7.86
N GLY E 4 -6.82 -19.57 -9.12
CA GLY E 4 -5.38 -19.59 -9.05
C GLY E 4 -4.81 -19.03 -7.76
N PRO E 5 -3.51 -19.23 -7.56
CA PRO E 5 -2.84 -18.59 -6.44
C PRO E 5 -2.75 -17.08 -6.67
N HYP E 6 -2.62 -16.32 -5.59
CA HYP E 6 -2.37 -14.91 -5.72
C HYP E 6 -1.10 -14.70 -6.52
O HYP E 6 -0.24 -15.57 -6.58
CB HYP E 6 -2.11 -14.50 -4.28
CG HYP E 6 -2.98 -15.42 -3.45
CD HYP E 6 -3.26 -16.65 -4.29
OD1 HYP E 6 -4.19 -14.75 -3.23
N GLY E 7 -1.00 -13.53 -7.14
CA GLY E 7 0.25 -13.14 -7.77
C GLY E 7 1.34 -12.91 -6.75
N PRO E 8 2.55 -12.59 -7.23
CA PRO E 8 3.65 -12.17 -6.36
C PRO E 8 3.50 -10.73 -5.93
N HYP E 9 4.15 -10.35 -4.83
CA HYP E 9 4.22 -8.94 -4.49
C HYP E 9 4.90 -8.20 -5.63
O HYP E 9 5.66 -8.78 -6.41
CB HYP E 9 5.06 -8.90 -3.24
CG HYP E 9 5.02 -10.30 -2.70
CD HYP E 9 4.91 -11.20 -3.91
OD1 HYP E 9 3.79 -10.40 -2.06
N GLY E 10 4.63 -6.91 -5.74
CA GLY E 10 5.33 -6.12 -6.73
C GLY E 10 6.69 -5.71 -6.22
N PRO E 11 7.50 -5.06 -7.06
CA PRO E 11 8.81 -4.60 -6.60
C PRO E 11 8.70 -3.24 -5.89
N ALA E 12 9.82 -2.74 -5.38
CA ALA E 12 9.83 -1.44 -4.72
C ALA E 12 9.34 -0.39 -5.69
N GLY E 13 8.85 0.71 -5.15
CA GLY E 13 8.31 1.76 -5.99
C GLY E 13 9.37 2.51 -6.75
N PHE E 14 8.96 3.57 -7.45
CA PHE E 14 9.90 4.42 -8.18
C PHE E 14 10.43 5.46 -7.22
N HYP E 15 11.55 6.11 -7.56
CA HYP E 15 12.19 6.99 -6.58
C HYP E 15 11.40 8.29 -6.38
O HYP E 15 10.68 8.72 -7.26
CB HYP E 15 13.58 7.29 -7.10
CG HYP E 15 13.82 6.32 -8.25
CD HYP E 15 12.45 5.84 -8.70
OD1 HYP E 15 14.57 5.23 -7.77
N GLY E 16 11.54 8.88 -5.20
CA GLY E 16 10.79 10.09 -4.89
C GLY E 16 11.17 11.32 -5.71
N PRO E 17 10.50 12.45 -5.43
CA PRO E 17 10.82 13.72 -6.09
C PRO E 17 12.07 14.35 -5.49
N HYP E 18 12.69 15.29 -6.21
CA HYP E 18 13.86 15.95 -5.67
C HYP E 18 13.53 16.75 -4.40
O HYP E 18 12.42 17.23 -4.21
CB HYP E 18 14.33 16.90 -6.76
CG HYP E 18 13.61 16.53 -8.02
CD HYP E 18 12.47 15.58 -7.63
OD1 HYP E 18 14.53 15.85 -8.87
N GLY E 19 14.53 16.85 -3.53
CA GLY E 19 14.41 17.67 -2.34
C GLY E 19 14.59 19.13 -2.69
N PRO E 20 14.56 19.99 -1.66
CA PRO E 20 14.58 21.46 -1.80
C PRO E 20 15.82 21.95 -2.51
N HYP E 21 15.70 23.02 -3.29
CA HYP E 21 16.86 23.58 -3.97
C HYP E 21 17.73 24.32 -2.95
O HYP E 21 18.12 23.76 -1.93
CB HYP E 21 16.30 24.55 -5.00
CG HYP E 21 14.83 24.76 -4.67
CD HYP E 21 14.44 23.70 -3.65
OD1 HYP E 21 14.05 24.65 -5.84
N GLY F 1 14.06 24.56 9.87
CA GLY F 1 12.97 23.91 9.19
C GLY F 1 12.57 24.61 7.90
N PRO F 2 12.09 23.82 6.92
CA PRO F 2 11.64 24.37 5.63
C PRO F 2 10.26 25.03 5.72
N HYP F 3 9.90 25.80 4.71
CA HYP F 3 8.61 26.45 4.69
C HYP F 3 7.48 25.40 4.65
O HYP F 3 7.64 24.30 4.12
CB HYP F 3 8.60 27.28 3.42
CG HYP F 3 10.01 27.33 2.89
CD HYP F 3 10.85 26.39 3.74
OD1 HYP F 3 10.51 28.63 3.05
N GLY F 4 6.35 25.75 5.26
CA GLY F 4 5.20 24.88 5.24
C GLY F 4 4.64 24.68 3.85
N PRO F 5 3.80 23.64 3.70
CA PRO F 5 3.12 23.30 2.46
C PRO F 5 1.91 24.24 2.22
N HYP F 6 1.44 24.34 0.98
CA HYP F 6 0.38 25.28 0.68
C HYP F 6 -0.93 24.97 1.41
O HYP F 6 -1.20 23.81 1.74
CB HYP F 6 0.20 25.19 -0.82
CG HYP F 6 1.55 24.74 -1.32
CD HYP F 6 2.21 23.95 -0.21
OD1 HYP F 6 2.32 25.90 -1.52
N GLY F 7 -1.70 26.00 1.70
CA GLY F 7 -3.01 25.82 2.30
C GLY F 7 -3.95 25.15 1.34
N PRO F 8 -5.13 24.76 1.81
CA PRO F 8 -6.15 24.15 0.95
C PRO F 8 -6.91 25.19 0.13
N HYP F 9 -7.56 24.76 -0.94
CA HYP F 9 -8.40 25.68 -1.69
C HYP F 9 -9.54 26.18 -0.78
O HYP F 9 -10.02 25.46 0.08
CB HYP F 9 -8.95 24.83 -2.83
CG HYP F 9 -8.06 23.62 -2.93
CD HYP F 9 -7.38 23.45 -1.58
OD1 HYP F 9 -7.06 23.92 -3.86
N GLY F 10 -9.96 27.43 -0.97
CA GLY F 10 -11.06 27.93 -0.18
C GLY F 10 -12.35 27.27 -0.64
N PRO F 11 -13.49 27.65 -0.03
CA PRO F 11 -14.74 27.04 -0.45
C PRO F 11 -15.33 27.76 -1.66
N ALA F 12 -16.46 27.28 -2.16
CA ALA F 12 -17.15 27.92 -3.27
C ALA F 12 -17.54 29.29 -2.84
N GLY F 13 -17.58 30.21 -3.79
CA GLY F 13 -17.93 31.58 -3.52
C GLY F 13 -19.34 31.78 -3.00
N PHE F 14 -19.64 33.01 -2.62
CA PHE F 14 -20.98 33.39 -2.22
C PHE F 14 -21.87 33.45 -3.47
N HYP F 15 -23.18 33.37 -3.30
CA HYP F 15 -24.05 33.32 -4.48
C HYP F 15 -24.17 34.69 -5.16
O HYP F 15 -24.16 35.71 -4.50
CB HYP F 15 -25.39 32.81 -3.97
CG HYP F 15 -25.22 32.46 -2.50
CD HYP F 15 -23.89 33.06 -2.06
OD1 HYP F 15 -25.18 31.06 -2.37
N GLY F 16 -24.30 34.68 -6.48
CA GLY F 16 -24.37 35.92 -7.24
C GLY F 16 -25.49 36.85 -6.85
N PRO F 17 -25.55 38.03 -7.50
CA PRO F 17 -26.57 39.05 -7.24
C PRO F 17 -27.90 38.73 -7.91
N HYP F 18 -29.01 39.07 -7.26
CA HYP F 18 -30.31 38.89 -7.87
C HYP F 18 -30.36 39.76 -9.11
O HYP F 18 -30.09 40.97 -9.04
CB HYP F 18 -31.28 39.41 -6.82
CG HYP F 18 -30.49 39.99 -5.68
CD HYP F 18 -29.04 40.04 -6.14
OD1 HYP F 18 -30.55 39.13 -4.56
N GLY F 19 -30.66 39.14 -10.26
CA GLY F 19 -30.76 39.87 -11.52
C GLY F 19 -32.12 40.44 -11.85
N PRO F 20 -32.65 40.10 -13.05
CA PRO F 20 -33.89 40.67 -13.57
C PRO F 20 -35.15 40.17 -12.84
N PRO G 2 12.17 20.88 11.01
CA PRO G 2 10.78 21.08 11.42
C PRO G 2 10.04 22.09 10.54
N HYP G 3 9.36 21.60 9.51
CA HYP G 3 8.72 22.47 8.53
C HYP G 3 7.63 23.34 9.15
O HYP G 3 6.97 22.91 10.09
CB HYP G 3 8.07 21.54 7.52
CG HYP G 3 8.53 20.12 7.84
CD HYP G 3 9.40 20.19 9.09
OD1 HYP G 3 9.29 19.63 6.76
N GLY G 4 7.46 24.54 8.61
CA GLY G 4 6.44 25.45 9.10
C GLY G 4 5.05 24.91 8.85
N PRO G 5 4.04 25.55 9.44
CA PRO G 5 2.67 25.05 9.26
C PRO G 5 2.17 25.32 7.85
N HYP G 6 1.16 24.57 7.41
CA HYP G 6 0.53 24.86 6.14
C HYP G 6 0.03 26.29 6.13
O HYP G 6 -0.38 26.83 7.16
CB HYP G 6 -0.64 23.89 6.06
CG HYP G 6 -0.37 22.79 7.08
CD HYP G 6 0.84 23.21 7.90
OD1 HYP G 6 -0.09 21.60 6.38
N GLY G 7 0.11 26.92 4.96
CA GLY G 7 -0.43 28.25 4.82
C GLY G 7 -1.91 28.28 5.07
N PRO G 8 -2.45 29.47 5.36
CA PRO G 8 -3.88 29.67 5.56
C PRO G 8 -4.75 29.13 4.41
N HYP G 9 -6.00 28.83 4.73
CA HYP G 9 -6.95 28.34 3.74
C HYP G 9 -7.13 29.41 2.68
O HYP G 9 -7.12 30.59 2.99
CB HYP G 9 -8.23 28.12 4.53
CG HYP G 9 -7.83 28.04 6.00
CD HYP G 9 -6.46 28.67 6.13
OD1 HYP G 9 -7.75 26.70 6.42
N GLY G 10 -7.24 29.00 1.41
CA GLY G 10 -7.36 29.99 0.35
C GLY G 10 -8.62 30.81 0.49
N PRO G 11 -8.77 31.85 -0.35
CA PRO G 11 -9.99 32.66 -0.31
C PRO G 11 -11.19 31.89 -0.82
N ALA G 12 -12.38 32.35 -0.49
CA ALA G 12 -13.57 31.71 -1.04
C ALA G 12 -13.66 32.10 -2.50
N GLY G 13 -14.42 31.34 -3.28
CA GLY G 13 -14.54 31.60 -4.71
C GLY G 13 -15.14 32.96 -5.03
N PHE G 14 -15.01 33.39 -6.28
CA PHE G 14 -15.59 34.66 -6.70
C PHE G 14 -17.09 34.53 -6.54
N HYP G 15 -17.77 35.64 -6.32
CA HYP G 15 -19.22 35.60 -6.19
C HYP G 15 -19.85 35.04 -7.46
O HYP G 15 -19.30 35.14 -8.55
CB HYP G 15 -19.63 37.04 -5.92
CG HYP G 15 -18.40 37.69 -5.30
CD HYP G 15 -17.21 36.88 -5.75
OD1 HYP G 15 -18.51 37.59 -3.90
N GLY G 16 -21.02 34.44 -7.31
CA GLY G 16 -21.64 33.73 -8.41
C GLY G 16 -22.05 34.57 -9.61
N PRO G 17 -22.55 33.92 -10.65
CA PRO G 17 -23.17 34.63 -11.77
C PRO G 17 -24.51 35.25 -11.35
N HYP G 18 -24.94 36.32 -11.99
CA HYP G 18 -26.19 36.95 -11.58
C HYP G 18 -27.39 36.03 -11.87
O HYP G 18 -27.34 35.25 -12.81
CB HYP G 18 -26.24 38.26 -12.36
CG HYP G 18 -24.87 38.48 -12.95
CD HYP G 18 -24.13 37.16 -12.89
OD1 HYP G 18 -24.16 39.44 -12.18
N GLY G 19 -28.41 36.12 -11.03
CA GLY G 19 -29.60 35.29 -11.18
C GLY G 19 -30.43 35.56 -12.43
N PRO G 20 -31.16 34.53 -12.91
CA PRO G 20 -31.91 34.46 -14.17
C PRO G 20 -33.32 35.04 -14.10
N HYP G 21 -34.02 35.10 -15.24
CA HYP G 21 -35.42 35.52 -15.27
C HYP G 21 -36.34 34.58 -14.49
O HYP G 21 -36.75 34.92 -13.38
CB HYP G 21 -35.76 35.45 -16.75
CG HYP G 21 -34.45 35.56 -17.51
CD HYP G 21 -33.32 35.41 -16.50
OD1 HYP G 21 -34.34 36.85 -18.06
N GLY H 1 16.54 23.63 15.43
CA GLY H 1 16.49 25.05 15.11
C GLY H 1 15.10 25.46 14.73
N PRO H 2 14.93 26.74 14.36
CA PRO H 2 13.65 27.44 14.18
C PRO H 2 12.69 26.65 13.30
N HYP H 3 11.38 26.83 13.49
CA HYP H 3 10.43 26.26 12.57
C HYP H 3 10.58 27.04 11.27
O HYP H 3 11.03 28.19 11.30
CB HYP H 3 9.08 26.58 13.18
CG HYP H 3 9.30 27.79 14.09
CD HYP H 3 10.79 27.87 14.35
OD1 HYP H 3 8.62 27.63 15.33
N GLY H 4 10.26 26.42 10.15
CA GLY H 4 10.27 27.14 8.88
C GLY H 4 9.16 28.17 8.81
N PRO H 5 9.23 29.06 7.84
CA PRO H 5 8.14 30.01 7.65
C PRO H 5 6.87 29.27 7.25
N HYP H 6 5.71 29.90 7.41
CA HYP H 6 4.48 29.21 7.08
C HYP H 6 4.29 29.02 5.59
O HYP H 6 4.84 29.74 4.74
CB HYP H 6 3.36 30.07 7.65
CG HYP H 6 3.98 30.88 8.75
CD HYP H 6 5.49 30.86 8.52
OD1 HYP H 6 3.63 30.26 9.98
N GLY H 7 3.47 28.02 5.28
CA GLY H 7 3.18 27.70 3.91
C GLY H 7 2.48 28.81 3.19
N PRO H 8 2.35 28.68 1.88
CA PRO H 8 1.56 29.63 1.10
C PRO H 8 0.06 29.42 1.32
N HYP H 9 -0.72 30.47 1.16
CA HYP H 9 -2.16 30.35 1.22
C HYP H 9 -2.67 29.47 0.09
O HYP H 9 -2.07 29.40 -0.98
CB HYP H 9 -2.69 31.76 1.01
CG HYP H 9 -1.55 32.69 1.29
CD HYP H 9 -0.26 31.87 1.24
OD1 HYP H 9 -1.74 33.12 2.61
N GLY H 10 -3.78 28.80 0.35
CA GLY H 10 -4.33 27.89 -0.63
C GLY H 10 -4.89 28.67 -1.79
N PRO H 11 -5.24 27.97 -2.87
CA PRO H 11 -5.87 28.61 -4.02
C PRO H 11 -7.26 29.11 -3.66
N ALA H 12 -7.81 30.01 -4.46
CA ALA H 12 -9.19 30.42 -4.25
C ALA H 12 -10.13 29.29 -4.62
N GLY H 13 -11.32 29.29 -4.03
CA GLY H 13 -12.33 28.33 -4.40
C GLY H 13 -12.97 28.55 -5.77
N PHE H 14 -13.67 27.54 -6.27
CA PHE H 14 -14.48 27.69 -7.48
C PHE H 14 -15.54 28.75 -7.20
N HYP H 15 -15.96 29.50 -8.21
CA HYP H 15 -16.95 30.55 -7.99
C HYP H 15 -18.29 30.01 -7.50
O HYP H 15 -18.62 28.83 -7.69
CB HYP H 15 -17.14 31.26 -9.31
CG HYP H 15 -16.21 30.61 -10.31
CD HYP H 15 -15.66 29.35 -9.65
OD1 HYP H 15 -15.15 31.48 -10.57
N GLY H 16 -19.06 30.89 -6.89
CA GLY H 16 -20.31 30.51 -6.26
C GLY H 16 -21.47 30.27 -7.20
N PRO H 17 -22.59 29.82 -6.64
CA PRO H 17 -23.82 29.55 -7.40
C PRO H 17 -24.47 30.82 -7.93
N HYP H 18 -25.39 30.66 -8.88
CA HYP H 18 -26.07 31.82 -9.46
C HYP H 18 -27.00 32.49 -8.45
O HYP H 18 -27.45 31.83 -7.51
CB HYP H 18 -26.86 31.23 -10.62
CG HYP H 18 -26.20 29.92 -10.96
CD HYP H 18 -25.40 29.48 -9.76
OD1 HYP H 18 -25.28 30.18 -11.98
N GLY H 19 -27.29 33.77 -8.65
CA GLY H 19 -28.11 34.56 -7.75
C GLY H 19 -29.60 34.32 -7.89
N PRO H 20 -30.41 35.00 -7.06
CA PRO H 20 -31.84 34.67 -7.04
C PRO H 20 -32.84 35.65 -7.64
N HYP H 21 -33.51 35.23 -8.72
CA HYP H 21 -34.89 35.63 -8.96
C HYP H 21 -35.67 34.38 -9.36
O HYP H 21 -35.17 33.28 -9.17
CB HYP H 21 -34.91 36.61 -10.11
CG HYP H 21 -33.47 36.94 -10.42
CD HYP H 21 -32.59 36.16 -9.44
OD1 HYP H 21 -33.35 38.35 -10.32
N GLY I 2 -17.95 28.68 30.97
CA GLY I 2 -18.49 27.43 30.43
C GLY I 2 -19.01 27.61 29.01
N PRO I 3 -18.48 26.81 28.08
CA PRO I 3 -18.85 26.88 26.66
C PRO I 3 -20.01 25.95 26.31
N HYP I 4 -20.93 26.40 25.47
CA HYP I 4 -22.10 25.59 25.15
C HYP I 4 -21.66 24.22 24.63
O HYP I 4 -20.61 24.11 23.99
CB HYP I 4 -22.85 26.37 24.10
CG HYP I 4 -22.17 27.72 24.05
CD HYP I 4 -20.75 27.48 24.51
OD1 HYP I 4 -22.77 28.52 25.03
N GLY I 5 -22.41 23.19 24.95
CA GLY I 5 -22.03 21.85 24.55
C GLY I 5 -22.40 21.62 23.10
N PRO I 6 -22.28 20.37 22.65
CA PRO I 6 -22.64 19.96 21.28
C PRO I 6 -24.12 20.12 20.98
N HYP I 7 -24.53 19.88 19.75
CA HYP I 7 -25.94 19.90 19.42
C HYP I 7 -26.51 18.49 19.38
O HYP I 7 -27.59 18.27 18.85
CB HYP I 7 -26.01 20.52 18.03
CG HYP I 7 -24.59 20.75 17.53
CD HYP I 7 -23.65 20.39 18.66
OD1 HYP I 7 -24.43 22.11 17.16
N HYP J 1 -17.61 22.13 29.17
CA HYP J 1 -18.65 22.52 28.25
C HYP J 1 -19.94 21.79 28.52
O HYP J 1 -19.95 20.78 29.22
CB HYP J 1 -18.22 22.08 26.86
CG HYP J 1 -16.91 21.36 27.02
CD HYP J 1 -16.48 21.48 28.48
OD1 HYP J 1 -15.95 21.95 26.19
N GLY J 2 -21.01 22.29 27.95
CA GLY J 2 -22.31 21.73 28.21
C GLY J 2 -22.59 20.38 27.62
N PRO J 3 -23.72 19.80 28.00
CA PRO J 3 -24.23 18.61 27.33
C PRO J 3 -24.71 18.97 25.95
N HYP J 4 -25.09 17.98 25.15
CA HYP J 4 -25.62 18.25 23.83
C HYP J 4 -26.91 19.06 23.92
O HYP J 4 -27.57 19.06 24.95
CB HYP J 4 -25.88 16.88 23.26
CG HYP J 4 -24.87 15.99 23.95
CD HYP J 4 -24.40 16.69 25.21
OD1 HYP J 4 -23.76 15.90 23.10
N GLY J 5 -27.23 19.76 22.84
CA GLY J 5 -28.48 20.48 22.81
C GLY J 5 -29.59 19.61 22.28
N PRO J 6 -30.82 20.15 22.24
CA PRO J 6 -32.01 19.54 21.67
C PRO J 6 -31.85 19.16 20.18
N HYP J 7 -32.95 18.84 19.49
CA HYP J 7 -32.87 18.52 18.07
C HYP J 7 -33.94 19.22 17.23
O HYP J 7 -34.12 18.87 16.06
CB HYP J 7 -33.05 17.01 18.00
CG HYP J 7 -33.30 16.51 19.43
CD HYP J 7 -33.61 17.75 20.25
OD1 HYP J 7 -32.15 15.89 19.96
N GLY K 2 -20.63 24.38 31.64
CA GLY K 2 -21.02 24.62 30.26
C GLY K 2 -22.51 24.49 30.06
N PRO K 3 -23.12 25.49 29.43
CA PRO K 3 -24.54 25.49 29.07
C PRO K 3 -24.84 24.42 28.03
N HYP K 4 -26.07 23.90 28.02
CA HYP K 4 -26.43 22.88 27.06
C HYP K 4 -26.25 23.43 25.65
O HYP K 4 -26.29 24.64 25.43
CB HYP K 4 -27.90 22.60 27.31
CG HYP K 4 -28.30 23.43 28.51
CD HYP K 4 -27.28 24.54 28.59
OD1 HYP K 4 -28.11 22.61 29.64
N GLY K 5 -26.04 22.55 24.69
CA GLY K 5 -25.76 23.01 23.35
C GLY K 5 -26.98 23.53 22.63
N PRO K 6 -26.76 23.99 21.40
CA PRO K 6 -27.80 24.38 20.43
C PRO K 6 -28.50 23.17 19.82
N HYP K 7 -29.48 23.39 18.96
CA HYP K 7 -30.11 22.30 18.24
C HYP K 7 -29.45 22.12 16.87
O HYP K 7 -28.83 21.10 16.59
CB HYP K 7 -31.55 22.74 18.06
CG HYP K 7 -31.74 24.06 18.79
CD HYP K 7 -30.40 24.48 19.34
OD1 HYP K 7 -32.63 23.88 19.86
C1 NAG L . 0.34 5.35 -6.20
C2 NAG L . 0.69 6.60 -7.01
C3 NAG L . 1.00 6.23 -8.46
C4 NAG L . 2.05 5.13 -8.53
C5 NAG L . 1.63 3.96 -7.65
C6 NAG L . 2.67 2.86 -7.59
C7 NAG L . -0.37 8.63 -6.16
C8 NAG L . -1.58 9.53 -6.23
N2 NAG L . -0.40 7.57 -6.95
O3 NAG L . 1.47 7.37 -9.16
O4 NAG L . 2.12 4.68 -9.88
O5 NAG L . 1.40 4.39 -6.31
O6 NAG L . 2.14 1.70 -6.96
O7 NAG L . 0.57 8.88 -5.43
S SO4 M . 4.89 -11.00 1.32
O1 SO4 M . 4.11 -11.16 2.56
O2 SO4 M . 4.41 -9.81 0.59
O3 SO4 M . 6.32 -10.84 1.62
O4 SO4 M . 4.73 -12.18 0.48
CL CL N . -23.82 45.87 18.83
CL CL O . -26.23 29.20 -0.10
C1 NAG P . 7.78 -26.59 8.69
C2 NAG P . 6.63 -25.60 8.86
C3 NAG P . 6.20 -25.50 10.32
C4 NAG P . 6.00 -26.88 10.94
C5 NAG P . 7.15 -27.82 10.65
C6 NAG P . 6.88 -29.24 11.08
C7 NAG P . 6.60 -23.79 7.18
C8 NAG P . 7.11 -22.43 6.82
N2 NAG P . 7.01 -24.28 8.35
O3 NAG P . 4.99 -24.76 10.40
O4 NAG P . 5.89 -26.76 12.35
O5 NAG P . 7.40 -27.85 9.24
O6 NAG P . 7.86 -30.14 10.57
O7 NAG P . 5.84 -24.42 6.46
S SO4 Q . 17.64 3.78 -9.19
O1 SO4 Q . 17.84 4.48 -10.47
O2 SO4 Q . 17.15 4.74 -8.19
O3 SO4 Q . 16.67 2.71 -9.39
O4 SO4 Q . 18.91 3.21 -8.70
NA NA R . 19.84 -8.07 -4.03
S SO4 S . 14.39 -43.79 7.63
O1 SO4 S . 15.34 -42.66 7.56
O2 SO4 S . 13.16 -43.38 8.31
O3 SO4 S . 14.97 -44.92 8.37
O4 SO4 S . 14.12 -44.29 6.27
NA NA T . 4.93 -14.42 -15.80
S SO4 U . -22.47 25.24 -3.08
O1 SO4 U . -23.71 26.03 -3.17
O2 SO4 U . -21.45 25.76 -4.00
O3 SO4 U . -22.00 25.25 -1.70
O4 SO4 U . -22.75 23.86 -3.47
C ACT V . 15.32 24.55 9.44
O ACT V . 16.06 24.17 8.52
CH3 ACT V . 15.89 25.12 10.70
CL CL W . -13.88 28.60 38.69
#